data_9K92
#
_entry.id   9K92
#
_cell.length_a   1.00
_cell.length_b   1.00
_cell.length_c   1.00
_cell.angle_alpha   90.00
_cell.angle_beta   90.00
_cell.angle_gamma   90.00
#
_symmetry.space_group_name_H-M   'P 1'
#
loop_
_entity.id
_entity.type
_entity.pdbx_description
1 polymer 'Signal peptide peptidase-like 2A'
2 non-polymer 1,2-DIACYL-SN-GLYCERO-3-PHOSPHOCHOLINE
#
_entity_poly.entity_id   1
_entity_poly.type   'polypeptide(L)'
_entity_poly.pdbx_seq_one_letter_code
;MGPQRRLSPAGAALLWGFLLQLTAAQEAILHASGNGTTKDYCMLYNPYWTALPSTLENATSISLMNLTSTPLCNLSDIPP
VGIKSKAVVVPWGSCHFLEKARIAQKGGAEAMLVVNNSVLFPPSGNRSEFPDVKILIAFISYKDFRDMNQTLGDNITVKM
YSPSWPNFDYTMVVIFVIAVFTVALGGYWSGLVELENLKAVTTEDREMRKKKEEYLTFSPLTVVIFVVICCVMMVLLYFF
YKWLVYVMIAIFCIASAMSLYNCLAALIHKIPYGQCTIACRGKNMEVRLIFLSGLCIAVAVVWAVFRNEDRWAWILQDIL
GIAFCLNLIKTLKLPNFKSCVILLGLLLLYDVFFVFITPFITKNGESIMVELAAGPFGNNEKLPVVIRVPKLIYFSVMSV
CLMPVSILGFGDIIVPGLLIAYCRRFDVQTGSSYIYYVSSTVAYAIGMILTFVVLVLMKKGQPALLYLVPCTLITASVVA
WRRKEMKKFWKGNSYQMMDHLDCATNEENPVISGEQIVQQ
;
_entity_poly.pdbx_strand_id   A
#
loop_
_chem_comp.id
_chem_comp.type
_chem_comp.name
_chem_comp.formula
PC1 non-polymer 1,2-DIACYL-SN-GLYCERO-3-PHOSPHOCHOLINE 'C44 H88 N O8 P'
#
# COMPACT_ATOMS: atom_id res chain seq x y z
N ASP A 169 -22.67 -1.51 -7.44
CA ASP A 169 -22.23 -0.13 -7.34
C ASP A 169 -20.94 0.09 -8.11
N TYR A 170 -20.76 1.28 -8.65
CA TYR A 170 -19.57 1.60 -9.44
C TYR A 170 -18.46 2.19 -8.56
N THR A 171 -18.17 1.50 -7.47
CA THR A 171 -17.00 1.77 -6.64
C THR A 171 -16.10 0.56 -6.52
N MET A 172 -16.68 -0.64 -6.52
CA MET A 172 -15.88 -1.85 -6.59
C MET A 172 -15.09 -1.92 -7.88
N VAL A 173 -15.51 -1.18 -8.91
CA VAL A 173 -14.74 -1.07 -10.14
C VAL A 173 -13.78 0.09 -10.10
N VAL A 174 -14.05 1.12 -9.29
CA VAL A 174 -13.14 2.25 -9.15
C VAL A 174 -12.06 1.98 -8.13
N ILE A 175 -12.42 1.45 -6.96
CA ILE A 175 -11.43 1.13 -5.95
C ILE A 175 -10.60 -0.06 -6.38
N PHE A 176 -11.08 -0.86 -7.33
CA PHE A 176 -10.25 -1.89 -7.93
C PHE A 176 -9.22 -1.31 -8.88
N VAL A 177 -9.52 -0.18 -9.53
CA VAL A 177 -8.57 0.46 -10.42
C VAL A 177 -7.59 1.32 -9.63
N ILE A 178 -8.05 2.01 -8.59
CA ILE A 178 -7.17 2.82 -7.77
C ILE A 178 -6.15 1.95 -7.04
N ALA A 179 -6.57 0.78 -6.57
CA ALA A 179 -5.72 -0.09 -5.77
C ALA A 179 -4.88 -1.05 -6.59
N VAL A 180 -5.03 -1.06 -7.91
CA VAL A 180 -4.24 -1.92 -8.78
C VAL A 180 -3.21 -1.13 -9.58
N PHE A 181 -3.56 0.03 -10.10
CA PHE A 181 -2.56 0.84 -10.78
C PHE A 181 -1.61 1.50 -9.80
N THR A 182 -2.02 1.68 -8.53
CA THR A 182 -1.08 2.17 -7.53
C THR A 182 -0.04 1.11 -7.19
N VAL A 183 -0.47 -0.14 -7.06
CA VAL A 183 0.45 -1.26 -6.83
C VAL A 183 1.31 -1.55 -8.05
N ALA A 184 0.69 -1.58 -9.24
CA ALA A 184 1.45 -1.87 -10.46
C ALA A 184 2.45 -0.77 -10.76
N LEU A 185 2.06 0.50 -10.61
CA LEU A 185 2.99 1.60 -10.83
C LEU A 185 4.10 1.60 -9.79
N GLY A 186 3.75 1.32 -8.53
CA GLY A 186 4.77 1.25 -7.50
C GLY A 186 5.78 0.16 -7.74
N GLY A 187 5.33 -1.02 -8.14
CA GLY A 187 6.25 -2.09 -8.47
C GLY A 187 7.11 -1.76 -9.69
N TYR A 188 6.50 -1.18 -10.72
CA TYR A 188 7.26 -0.81 -11.91
C TYR A 188 8.23 0.32 -11.61
N TRP A 189 7.80 1.31 -10.82
CA TRP A 189 8.67 2.41 -10.46
C TRP A 189 9.85 1.92 -9.62
N SER A 190 9.61 0.98 -8.70
CA SER A 190 10.68 0.41 -7.90
C SER A 190 11.68 -0.34 -8.78
N GLY A 191 11.18 -1.09 -9.76
CA GLY A 191 12.07 -1.79 -10.67
C GLY A 191 12.83 -0.85 -11.59
N LEU A 192 12.28 0.34 -11.85
CA LEU A 192 12.98 1.32 -12.68
C LEU A 192 14.17 1.91 -11.94
N VAL A 193 14.03 2.11 -10.62
CA VAL A 193 15.15 2.60 -9.82
C VAL A 193 16.26 1.56 -9.78
N GLU A 194 15.90 0.29 -9.61
CA GLU A 194 16.91 -0.77 -9.52
C GLU A 194 17.69 -0.91 -10.82
N LEU A 195 17.06 -0.63 -11.97
CA LEU A 195 17.75 -0.74 -13.24
C LEU A 195 18.91 0.23 -13.35
N GLU A 196 18.81 1.40 -12.70
CA GLU A 196 19.88 2.38 -12.76
C GLU A 196 21.07 1.97 -11.88
N ASN A 197 20.81 1.36 -10.74
CA ASN A 197 21.89 0.92 -9.86
C ASN A 197 22.76 -0.14 -10.55
N LEU A 198 22.13 -1.09 -11.23
CA LEU A 198 22.89 -2.06 -12.00
C LEU A 198 23.59 -1.42 -13.19
N LYS A 199 23.01 -0.36 -13.76
CA LYS A 199 23.58 0.29 -14.93
C LYS A 199 24.73 1.21 -14.55
N ALA A 200 24.45 2.21 -13.71
CA ALA A 200 25.48 3.15 -13.31
C ALA A 200 26.57 2.47 -12.50
N VAL A 201 26.20 1.58 -11.59
CA VAL A 201 27.17 0.86 -10.77
C VAL A 201 27.13 -0.64 -11.08
N SER A 219 14.08 -9.16 7.51
CA SER A 219 14.97 -9.76 8.50
C SER A 219 14.22 -10.75 9.37
N PRO A 220 14.88 -11.85 9.75
CA PRO A 220 14.20 -12.90 10.51
C PRO A 220 14.14 -12.64 12.01
N LEU A 221 15.09 -11.88 12.55
CA LEU A 221 15.20 -11.71 13.99
C LEU A 221 14.56 -10.42 14.49
N THR A 222 14.37 -9.42 13.63
CA THR A 222 13.73 -8.18 14.04
C THR A 222 12.21 -8.26 14.01
N VAL A 223 11.65 -9.42 13.65
CA VAL A 223 10.20 -9.57 13.62
C VAL A 223 9.61 -9.43 15.02
N VAL A 224 10.33 -9.87 16.05
CA VAL A 224 9.84 -9.73 17.41
C VAL A 224 9.75 -8.27 17.81
N ILE A 225 10.76 -7.48 17.47
CA ILE A 225 10.74 -6.06 17.79
C ILE A 225 9.65 -5.35 16.99
N PHE A 226 9.47 -5.74 15.73
CA PHE A 226 8.40 -5.15 14.93
C PHE A 226 7.04 -5.47 15.53
N VAL A 227 6.83 -6.71 15.98
CA VAL A 227 5.57 -7.06 16.64
C VAL A 227 5.37 -6.22 17.89
N VAL A 228 6.38 -6.21 18.76
CA VAL A 228 6.24 -5.47 20.01
C VAL A 228 5.91 -4.02 19.75
N ILE A 229 6.86 -3.30 19.17
CA ILE A 229 6.66 -1.88 18.93
C ILE A 229 5.31 -1.65 18.26
N CYS A 230 5.05 -2.35 17.17
CA CYS A 230 3.82 -2.16 16.44
C CYS A 230 2.62 -2.22 17.37
N CYS A 231 2.39 -3.38 17.98
CA CYS A 231 1.20 -3.50 18.81
C CYS A 231 1.19 -2.49 19.95
N VAL A 232 2.36 -2.02 20.39
CA VAL A 232 2.41 -0.96 21.39
C VAL A 232 1.76 0.31 20.84
N MET A 233 2.00 0.62 19.57
CA MET A 233 1.38 1.78 18.95
C MET A 233 -0.14 1.66 18.93
N MET A 234 -0.65 0.47 18.60
CA MET A 234 -2.10 0.28 18.61
C MET A 234 -2.66 0.40 20.02
N VAL A 235 -1.94 -0.13 21.01
CA VAL A 235 -2.39 0.00 22.39
C VAL A 235 -2.46 1.47 22.80
N LEU A 236 -1.42 2.24 22.44
CA LEU A 236 -1.40 3.66 22.76
C LEU A 236 -2.54 4.41 22.05
N LEU A 237 -2.81 4.05 20.79
CA LEU A 237 -3.94 4.65 20.08
C LEU A 237 -5.24 4.34 20.78
N TYR A 238 -5.42 3.10 21.24
CA TYR A 238 -6.65 2.73 21.93
C TYR A 238 -6.80 3.48 23.25
N PHE A 239 -5.69 3.69 23.96
CA PHE A 239 -5.77 4.29 25.29
C PHE A 239 -5.74 5.83 25.26
N PHE A 240 -5.09 6.43 24.29
CA PHE A 240 -4.93 7.89 24.20
C PHE A 240 -5.41 8.40 22.86
N TYR A 241 -6.60 7.98 22.44
CA TYR A 241 -7.09 8.29 21.10
C TYR A 241 -7.17 9.80 20.87
N LYS A 242 -7.67 10.54 21.87
CA LYS A 242 -7.94 11.96 21.69
C LYS A 242 -6.71 12.72 21.22
N TRP A 243 -5.65 12.71 22.04
CA TRP A 243 -4.45 13.50 21.75
C TRP A 243 -3.43 12.75 20.91
N LEU A 244 -3.73 11.53 20.47
CA LEU A 244 -2.84 10.79 19.60
C LEU A 244 -3.41 10.60 18.20
N VAL A 245 -4.64 11.05 17.94
CA VAL A 245 -5.12 11.05 16.56
C VAL A 245 -4.61 12.28 15.80
N TYR A 246 -4.40 13.40 16.49
CA TYR A 246 -3.93 14.60 15.80
C TYR A 246 -2.47 14.48 15.40
N VAL A 247 -1.65 13.82 16.21
CA VAL A 247 -0.27 13.59 15.81
C VAL A 247 -0.21 12.65 14.61
N MET A 248 -1.09 11.66 14.56
CA MET A 248 -1.15 10.79 13.39
C MET A 248 -1.60 11.55 12.16
N ILE A 249 -2.56 12.46 12.31
CA ILE A 249 -3.00 13.27 11.18
C ILE A 249 -1.86 14.16 10.68
N ALA A 250 -1.13 14.78 11.60
CA ALA A 250 -0.01 15.63 11.20
C ALA A 250 1.09 14.83 10.52
N ILE A 251 1.39 13.64 11.05
CA ILE A 251 2.40 12.79 10.42
C ILE A 251 1.96 12.39 9.03
N PHE A 252 0.67 12.04 8.86
CA PHE A 252 0.16 11.72 7.54
C PHE A 252 0.27 12.90 6.60
N CYS A 253 -0.06 14.11 7.08
CA CYS A 253 0.04 15.29 6.23
C CYS A 253 1.47 15.50 5.74
N ILE A 254 2.43 15.47 6.67
CA ILE A 254 3.82 15.72 6.30
C ILE A 254 4.35 14.63 5.37
N ALA A 255 4.11 13.37 5.73
CA ALA A 255 4.60 12.26 4.91
C ALA A 255 3.96 12.26 3.53
N SER A 256 2.66 12.54 3.45
CA SER A 256 1.99 12.54 2.16
C SER A 256 2.44 13.72 1.31
N ALA A 257 2.69 14.88 1.92
CA ALA A 257 3.22 16.00 1.16
C ALA A 257 4.60 15.68 0.60
N MET A 258 5.47 15.09 1.42
CA MET A 258 6.80 14.72 0.93
C MET A 258 6.72 13.67 -0.17
N SER A 259 5.85 12.67 0.01
CA SER A 259 5.72 11.62 -0.98
C SER A 259 5.12 12.15 -2.28
N LEU A 260 4.14 13.05 -2.18
CA LEU A 260 3.56 13.66 -3.38
C LEU A 260 4.59 14.50 -4.12
N TYR A 261 5.42 15.24 -3.39
CA TYR A 261 6.48 16.00 -4.04
C TYR A 261 7.45 15.07 -4.75
N ASN A 262 7.85 13.98 -4.08
CA ASN A 262 8.76 13.03 -4.71
C ASN A 262 8.15 12.37 -5.94
N CYS A 263 6.88 12.00 -5.88
CA CYS A 263 6.21 11.37 -7.01
C CYS A 263 6.08 12.32 -8.19
N LEU A 264 5.58 13.53 -7.94
CA LEU A 264 5.36 14.48 -9.03
C LEU A 264 6.67 15.07 -9.54
N ALA A 265 7.78 14.93 -8.79
CA ALA A 265 9.06 15.41 -9.31
C ALA A 265 9.51 14.60 -10.52
N ALA A 266 9.30 13.28 -10.49
CA ALA A 266 9.82 12.42 -11.56
C ALA A 266 9.16 12.73 -12.89
N LEU A 267 7.84 12.91 -12.90
CA LEU A 267 7.13 13.17 -14.14
C LEU A 267 7.64 14.43 -14.83
N ILE A 268 7.92 15.47 -14.05
CA ILE A 268 8.41 16.71 -14.64
C ILE A 268 9.91 16.62 -14.94
N HIS A 269 10.65 15.77 -14.22
CA HIS A 269 12.05 15.53 -14.57
C HIS A 269 12.15 14.88 -15.94
N LYS A 270 11.21 13.99 -16.26
CA LYS A 270 11.17 13.43 -17.62
C LYS A 270 10.90 14.53 -18.64
N ILE A 271 10.00 15.46 -18.32
CA ILE A 271 9.67 16.55 -19.24
C ILE A 271 10.86 17.50 -19.35
N PRO A 272 11.25 17.93 -20.55
CA PRO A 272 12.35 18.89 -20.72
C PRO A 272 12.02 20.25 -20.12
N GLU A 286 15.34 24.98 -8.13
CA GLU A 286 14.85 25.69 -9.30
C GLU A 286 13.47 26.27 -9.01
N VAL A 287 13.06 27.25 -9.82
CA VAL A 287 11.77 27.90 -9.63
C VAL A 287 10.64 26.89 -9.78
N ARG A 288 10.73 26.01 -10.77
CA ARG A 288 9.70 25.00 -10.96
C ARG A 288 9.63 24.05 -9.77
N LEU A 289 10.78 23.66 -9.22
CA LEU A 289 10.80 22.75 -8.08
C LEU A 289 10.17 23.38 -6.85
N ILE A 290 10.47 24.66 -6.59
CA ILE A 290 9.87 25.31 -5.42
C ILE A 290 8.39 25.56 -5.66
N PHE A 291 7.98 25.80 -6.90
CA PHE A 291 6.55 25.89 -7.21
C PHE A 291 5.85 24.57 -6.92
N LEU A 292 6.46 23.46 -7.31
CA LEU A 292 5.87 22.14 -7.02
C LEU A 292 5.81 21.89 -5.52
N SER A 293 6.88 22.25 -4.80
CA SER A 293 6.87 22.08 -3.34
C SER A 293 5.76 22.91 -2.70
N GLY A 294 5.59 24.16 -3.15
CA GLY A 294 4.50 24.98 -2.64
C GLY A 294 3.14 24.40 -2.95
N LEU A 295 2.97 23.86 -4.16
CA LEU A 295 1.70 23.22 -4.52
C LEU A 295 1.42 22.03 -3.61
N CYS A 296 2.44 21.20 -3.36
CA CYS A 296 2.24 20.02 -2.54
C CYS A 296 1.92 20.38 -1.09
N ILE A 297 2.65 21.34 -0.52
CA ILE A 297 2.37 21.73 0.86
C ILE A 297 1.01 22.41 0.96
N ALA A 298 0.63 23.17 -0.07
CA ALA A 298 -0.69 23.78 -0.08
C ALA A 298 -1.79 22.73 -0.11
N VAL A 299 -1.62 21.70 -0.94
CA VAL A 299 -2.62 20.63 -1.00
C VAL A 299 -2.71 19.92 0.35
N ALA A 300 -1.56 19.63 0.97
CA ALA A 300 -1.57 18.96 2.26
C ALA A 300 -2.27 19.80 3.32
N VAL A 301 -1.97 21.10 3.37
CA VAL A 301 -2.57 21.95 4.38
C VAL A 301 -4.07 22.13 4.12
N VAL A 302 -4.46 22.23 2.85
CA VAL A 302 -5.88 22.34 2.53
C VAL A 302 -6.62 21.09 2.97
N TRP A 303 -6.03 19.91 2.73
CA TRP A 303 -6.65 18.68 3.19
C TRP A 303 -6.74 18.64 4.72
N ALA A 304 -5.68 19.09 5.40
CA ALA A 304 -5.68 19.08 6.86
C ALA A 304 -6.75 19.99 7.42
N VAL A 305 -6.94 21.17 6.82
CA VAL A 305 -7.98 22.07 7.27
C VAL A 305 -9.36 21.50 6.97
N PHE A 306 -9.56 21.01 5.75
CA PHE A 306 -10.84 20.43 5.35
C PHE A 306 -10.77 18.91 5.43
N ARG A 307 -10.83 18.42 6.67
CA ARG A 307 -10.85 16.99 6.95
C ARG A 307 -12.25 16.42 7.04
N ASN A 308 -13.15 17.12 7.73
CA ASN A 308 -14.49 16.60 8.00
C ASN A 308 -15.52 17.08 6.98
N GLU A 309 -15.10 17.78 5.93
CA GLU A 309 -16.00 18.14 4.84
C GLU A 309 -16.04 16.96 3.89
N ASP A 310 -16.96 16.02 4.16
CA ASP A 310 -17.01 14.74 3.47
C ASP A 310 -17.54 14.85 2.04
N ARG A 311 -17.74 16.05 1.52
CA ARG A 311 -18.20 16.19 0.14
C ARG A 311 -17.04 16.10 -0.85
N TRP A 312 -15.93 16.77 -0.56
CA TRP A 312 -14.81 16.83 -1.50
C TRP A 312 -13.46 16.59 -0.84
N ALA A 313 -13.40 16.27 0.46
CA ALA A 313 -12.13 15.93 1.08
C ALA A 313 -11.65 14.54 0.72
N TRP A 314 -12.57 13.67 0.26
CA TRP A 314 -12.19 12.30 -0.05
C TRP A 314 -11.23 12.24 -1.23
N ILE A 315 -11.40 13.12 -2.22
CA ILE A 315 -10.49 13.11 -3.36
C ILE A 315 -9.09 13.55 -2.96
N LEU A 316 -9.00 14.56 -2.09
CA LEU A 316 -7.69 14.96 -1.59
C LEU A 316 -7.03 13.86 -0.78
N GLN A 317 -7.81 13.19 0.08
CA GLN A 317 -7.25 12.08 0.85
C GLN A 317 -6.80 10.96 -0.07
N ASP A 318 -7.57 10.66 -1.12
CA ASP A 318 -7.18 9.61 -2.05
C ASP A 318 -5.91 9.97 -2.79
N ILE A 319 -5.76 11.21 -3.24
CA ILE A 319 -4.55 11.61 -3.95
C ILE A 319 -3.34 11.51 -3.02
N LEU A 320 -3.47 12.06 -1.81
CA LEU A 320 -2.36 12.01 -0.86
C LEU A 320 -2.01 10.57 -0.49
N GLY A 321 -3.02 9.72 -0.30
CA GLY A 321 -2.75 8.34 0.04
C GLY A 321 -2.14 7.55 -1.09
N ILE A 322 -2.56 7.84 -2.33
CA ILE A 322 -1.96 7.18 -3.49
C ILE A 322 -0.49 7.57 -3.60
N ALA A 323 -0.18 8.86 -3.38
CA ALA A 323 1.22 9.28 -3.40
C ALA A 323 2.01 8.61 -2.28
N PHE A 324 1.43 8.55 -1.07
CA PHE A 324 2.11 7.93 0.06
C PHE A 324 2.39 6.46 -0.20
N CYS A 325 1.41 5.73 -0.71
CA CYS A 325 1.60 4.32 -1.01
C CYS A 325 2.58 4.11 -2.16
N LEU A 326 2.51 4.96 -3.18
CA LEU A 326 3.44 4.86 -4.30
C LEU A 326 4.88 5.13 -3.87
N ASN A 327 5.07 5.94 -2.82
CA ASN A 327 6.41 6.17 -2.33
C ASN A 327 6.88 5.06 -1.39
N LEU A 328 5.98 4.55 -0.54
CA LEU A 328 6.35 3.48 0.38
C LEU A 328 6.58 2.15 -0.34
N ILE A 329 5.92 1.92 -1.48
CA ILE A 329 6.18 0.73 -2.27
C ILE A 329 7.56 0.78 -2.91
N LYS A 330 8.05 1.96 -3.25
CA LYS A 330 9.34 2.12 -3.92
C LYS A 330 10.51 2.21 -2.96
N THR A 331 10.42 3.03 -1.90
CA THR A 331 11.57 3.26 -1.05
C THR A 331 11.90 2.05 -0.19
N LEU A 332 10.88 1.43 0.41
CA LEU A 332 11.11 0.30 1.30
C LEU A 332 11.61 -0.89 0.50
N LYS A 333 12.83 -1.33 0.79
CA LYS A 333 13.48 -2.41 0.06
C LYS A 333 13.50 -3.66 0.92
N LEU A 334 12.61 -4.60 0.62
CA LEU A 334 12.68 -5.92 1.25
C LEU A 334 13.83 -6.71 0.63
N PRO A 335 14.73 -7.27 1.43
CA PRO A 335 15.97 -7.81 0.86
C PRO A 335 15.80 -9.16 0.18
N ASN A 336 14.92 -10.01 0.69
CA ASN A 336 14.76 -11.34 0.14
C ASN A 336 13.33 -11.82 0.35
N PHE A 337 12.94 -12.85 -0.41
CA PHE A 337 11.59 -13.38 -0.33
C PHE A 337 11.29 -14.00 1.03
N LYS A 338 12.32 -14.39 1.78
CA LYS A 338 12.08 -14.85 3.15
C LYS A 338 11.46 -13.73 3.99
N SER A 339 12.00 -12.52 3.88
CA SER A 339 11.43 -11.38 4.59
C SER A 339 10.03 -11.06 4.08
N CYS A 340 9.82 -11.19 2.77
CA CYS A 340 8.49 -10.96 2.20
C CYS A 340 7.48 -11.92 2.81
N VAL A 341 7.82 -13.22 2.85
CA VAL A 341 6.92 -14.22 3.40
C VAL A 341 6.67 -13.94 4.88
N ILE A 342 7.73 -13.63 5.63
CA ILE A 342 7.57 -13.39 7.06
C ILE A 342 6.65 -12.20 7.32
N LEU A 343 6.90 -11.09 6.63
CA LEU A 343 6.10 -9.89 6.84
C LEU A 343 4.64 -10.10 6.43
N LEU A 344 4.43 -10.71 5.26
CA LEU A 344 3.07 -10.92 4.78
C LEU A 344 2.31 -11.88 5.70
N GLY A 345 2.96 -12.95 6.15
CA GLY A 345 2.31 -13.86 7.08
C GLY A 345 2.00 -13.22 8.41
N LEU A 346 2.93 -12.40 8.92
CA LEU A 346 2.69 -11.71 10.17
C LEU A 346 1.52 -10.75 10.07
N LEU A 347 1.43 -10.00 8.97
CA LEU A 347 0.32 -9.05 8.84
C LEU A 347 -0.99 -9.76 8.51
N LEU A 348 -0.93 -10.92 7.84
CA LEU A 348 -2.12 -11.75 7.68
C LEU A 348 -2.62 -12.24 9.04
N LEU A 349 -1.70 -12.65 9.92
CA LEU A 349 -2.09 -13.02 11.28
C LEU A 349 -2.67 -11.83 12.02
N TYR A 350 -2.12 -10.63 11.79
CA TYR A 350 -2.69 -9.43 12.41
C TYR A 350 -4.11 -9.18 11.94
N ASP A 351 -4.37 -9.38 10.65
CA ASP A 351 -5.72 -9.22 10.14
C ASP A 351 -6.64 -10.24 10.77
N VAL A 352 -6.17 -11.49 10.83
CA VAL A 352 -6.97 -12.54 11.45
C VAL A 352 -7.32 -12.16 12.88
N PHE A 353 -6.37 -11.60 13.61
CA PHE A 353 -6.66 -11.11 14.95
C PHE A 353 -7.69 -9.97 14.92
N PHE A 354 -7.57 -9.09 13.93
CA PHE A 354 -8.54 -8.00 13.76
C PHE A 354 -9.95 -8.54 13.60
N VAL A 355 -10.10 -9.60 12.80
CA VAL A 355 -11.44 -10.11 12.53
C VAL A 355 -11.90 -11.05 13.64
N PHE A 356 -10.99 -11.55 14.47
CA PHE A 356 -11.35 -12.49 15.52
C PHE A 356 -11.47 -11.85 16.90
N ILE A 357 -11.05 -10.61 17.08
CA ILE A 357 -11.09 -9.93 18.38
C ILE A 357 -12.23 -8.91 18.45
N THR A 358 -12.47 -8.19 17.35
CA THR A 358 -13.50 -7.17 17.36
C THR A 358 -14.89 -7.66 17.76
N PRO A 359 -15.36 -8.86 17.35
CA PRO A 359 -16.66 -9.31 17.85
C PRO A 359 -16.73 -9.43 19.37
N PHE A 360 -15.62 -9.75 20.02
CA PHE A 360 -15.63 -9.87 21.48
C PHE A 360 -15.96 -8.54 22.15
N ILE A 361 -15.37 -7.45 21.65
CA ILE A 361 -15.63 -6.14 22.25
C ILE A 361 -17.09 -5.73 22.02
N THR A 362 -17.59 -5.92 20.80
CA THR A 362 -18.95 -5.53 20.48
C THR A 362 -19.92 -6.68 20.77
N ASN A 379 -12.12 12.01 19.58
CA ASN A 379 -12.94 10.82 19.41
C ASN A 379 -13.78 10.90 18.14
N ASN A 380 -14.13 12.11 17.74
CA ASN A 380 -14.93 12.33 16.54
C ASN A 380 -14.08 12.44 15.27
N GLU A 381 -12.75 12.37 15.39
CA GLU A 381 -11.88 12.44 14.23
C GLU A 381 -11.83 11.08 13.54
N LYS A 382 -11.18 11.06 12.37
CA LYS A 382 -11.05 9.84 11.57
C LYS A 382 -9.60 9.64 11.18
N LEU A 383 -9.11 8.42 11.37
CA LEU A 383 -7.75 8.10 11.00
C LEU A 383 -7.57 8.22 9.49
N PRO A 384 -6.47 8.82 9.04
CA PRO A 384 -6.24 8.99 7.60
C PRO A 384 -5.55 7.79 6.96
N VAL A 385 -5.56 6.65 7.66
CA VAL A 385 -4.81 5.47 7.22
C VAL A 385 -5.60 4.75 6.13
N VAL A 386 -6.80 5.22 5.84
CA VAL A 386 -7.70 4.53 4.93
C VAL A 386 -7.93 5.39 3.69
N ILE A 387 -8.38 4.73 2.63
CA ILE A 387 -8.75 5.38 1.37
C ILE A 387 -10.27 5.35 1.28
N ARG A 388 -10.87 6.53 1.17
CA ARG A 388 -12.31 6.70 1.22
C ARG A 388 -12.85 7.00 -0.17
N VAL A 389 -13.93 6.31 -0.54
CA VAL A 389 -14.63 6.55 -1.80
C VAL A 389 -16.13 6.47 -1.55
N PRO A 390 -16.90 7.50 -1.88
CA PRO A 390 -18.36 7.42 -1.72
C PRO A 390 -18.96 6.54 -2.81
N LYS A 391 -20.25 6.25 -2.66
CA LYS A 391 -20.96 5.39 -3.60
C LYS A 391 -21.15 6.15 -4.91
N LEU A 392 -20.37 5.77 -5.93
CA LEU A 392 -20.40 6.43 -7.23
C LEU A 392 -21.55 5.88 -8.07
N ILE A 393 -22.76 6.06 -7.55
CA ILE A 393 -23.97 5.75 -8.31
C ILE A 393 -24.87 6.96 -8.53
N TYR A 394 -24.83 7.97 -7.66
CA TYR A 394 -25.53 9.22 -7.89
C TYR A 394 -24.60 10.42 -7.80
N PHE A 395 -23.30 10.20 -7.65
CA PHE A 395 -22.34 11.28 -7.47
C PHE A 395 -22.18 12.11 -8.76
N LEU A 402 -27.13 10.90 2.74
CA LEU A 402 -25.69 11.18 2.66
C LEU A 402 -24.96 10.06 1.94
N MET A 403 -23.68 10.27 1.68
CA MET A 403 -22.90 9.31 0.91
C MET A 403 -22.34 8.23 1.82
N PRO A 404 -22.60 6.94 1.53
CA PRO A 404 -21.92 5.86 2.27
C PRO A 404 -20.46 5.76 1.86
N VAL A 405 -19.74 4.75 2.37
CA VAL A 405 -18.29 4.69 2.19
C VAL A 405 -17.91 3.37 1.56
N SER A 406 -16.73 3.38 0.93
CA SER A 406 -16.08 2.20 0.38
C SER A 406 -14.61 2.30 0.80
N ILE A 407 -14.28 1.73 1.95
CA ILE A 407 -13.00 1.95 2.59
C ILE A 407 -12.03 0.83 2.22
N LEU A 408 -10.81 1.21 1.85
CA LEU A 408 -9.72 0.26 1.65
C LEU A 408 -8.45 0.85 2.25
N GLY A 409 -7.91 0.19 3.26
CA GLY A 409 -6.78 0.74 4.00
C GLY A 409 -5.51 0.77 3.18
N PHE A 410 -4.49 1.38 3.77
CA PHE A 410 -3.16 1.45 3.18
C PHE A 410 -2.40 0.13 3.28
N GLY A 411 -2.70 -0.69 4.29
CA GLY A 411 -2.02 -1.95 4.47
C GLY A 411 -2.44 -3.03 3.51
N ASP A 412 -3.49 -2.79 2.73
CA ASP A 412 -3.90 -3.69 1.66
C ASP A 412 -3.35 -3.28 0.31
N ILE A 413 -2.61 -2.17 0.25
CA ILE A 413 -2.01 -1.69 -0.99
C ILE A 413 -0.50 -1.70 -0.86
N ILE A 414 -0.01 -1.49 0.37
CA ILE A 414 1.42 -1.41 0.60
C ILE A 414 2.04 -2.78 0.86
N VAL A 415 1.41 -3.57 1.74
CA VAL A 415 2.01 -4.84 2.14
C VAL A 415 2.16 -5.81 0.96
N PRO A 416 1.14 -6.05 0.14
CA PRO A 416 1.40 -6.80 -1.11
C PRO A 416 2.10 -5.96 -2.15
N GLY A 417 2.00 -4.63 -2.07
CA GLY A 417 2.74 -3.78 -2.99
C GLY A 417 4.24 -3.97 -2.86
N LEU A 418 4.73 -4.14 -1.64
CA LEU A 418 6.14 -4.44 -1.43
C LEU A 418 6.54 -5.77 -2.04
N LEU A 419 5.70 -6.79 -1.96
CA LEU A 419 6.00 -8.07 -2.57
C LEU A 419 6.02 -8.00 -4.09
N ILE A 420 5.08 -7.27 -4.70
CA ILE A 420 5.11 -7.12 -6.16
C ILE A 420 6.31 -6.28 -6.60
N ALA A 421 6.66 -5.26 -5.81
CA ALA A 421 7.88 -4.51 -6.09
C ALA A 421 9.11 -5.40 -6.01
N TYR A 422 9.15 -6.30 -5.01
CA TYR A 422 10.26 -7.22 -4.90
C TYR A 422 10.30 -8.19 -6.08
N CYS A 423 9.14 -8.64 -6.55
CA CYS A 423 9.11 -9.51 -7.71
C CYS A 423 9.67 -8.80 -8.93
N ARG A 424 9.26 -7.55 -9.14
CA ARG A 424 9.79 -6.78 -10.26
C ARG A 424 11.29 -6.55 -10.11
N ARG A 425 11.74 -6.26 -8.89
CA ARG A 425 13.16 -6.00 -8.65
C ARG A 425 13.99 -7.24 -8.91
N PHE A 426 13.53 -8.40 -8.44
CA PHE A 426 14.23 -9.66 -8.69
C PHE A 426 14.24 -9.97 -10.18
N ASP A 427 13.14 -9.70 -10.88
CA ASP A 427 13.08 -9.95 -12.31
C ASP A 427 14.10 -9.07 -13.03
N VAL A 428 14.20 -7.80 -12.64
CA VAL A 428 15.19 -6.91 -13.24
C VAL A 428 16.60 -7.40 -12.94
N GLN A 429 16.85 -7.85 -11.72
CA GLN A 429 18.18 -8.34 -11.36
C GLN A 429 18.56 -9.56 -12.18
N THR A 430 17.62 -10.49 -12.35
CA THR A 430 17.89 -11.75 -13.06
C THR A 430 17.43 -11.59 -14.51
N GLY A 431 18.38 -11.26 -15.39
CA GLY A 431 18.04 -11.11 -16.79
C GLY A 431 17.15 -9.91 -17.05
N SER A 432 16.33 -10.02 -18.09
CA SER A 432 15.39 -8.97 -18.47
C SER A 432 14.11 -9.62 -18.95
N SER A 433 13.05 -9.50 -18.15
CA SER A 433 11.77 -10.11 -18.47
C SER A 433 10.68 -9.39 -17.69
N TYR A 434 9.46 -9.95 -17.69
CA TYR A 434 8.36 -9.38 -16.93
C TYR A 434 7.55 -10.46 -16.22
N ILE A 435 8.10 -11.66 -16.05
CA ILE A 435 7.31 -12.80 -15.59
C ILE A 435 6.86 -12.58 -14.15
N TYR A 436 7.79 -12.23 -13.26
CA TYR A 436 7.44 -12.11 -11.84
C TYR A 436 6.52 -10.93 -11.60
N TYR A 437 6.82 -9.78 -12.21
CA TYR A 437 6.00 -8.59 -12.01
C TYR A 437 4.59 -8.80 -12.53
N VAL A 438 4.45 -9.31 -13.77
CA VAL A 438 3.14 -9.55 -14.34
C VAL A 438 2.37 -10.58 -13.53
N SER A 439 3.02 -11.68 -13.15
CA SER A 439 2.34 -12.71 -12.38
C SER A 439 1.86 -12.19 -11.04
N SER A 440 2.71 -11.45 -10.32
CA SER A 440 2.30 -10.90 -9.03
C SER A 440 1.17 -9.90 -9.18
N THR A 441 1.21 -9.03 -10.20
CA THR A 441 0.15 -8.04 -10.36
C THR A 441 -1.17 -8.71 -10.75
N VAL A 442 -1.12 -9.70 -11.64
CA VAL A 442 -2.34 -10.41 -12.04
C VAL A 442 -2.94 -11.15 -10.85
N ALA A 443 -2.09 -11.79 -10.04
CA ALA A 443 -2.61 -12.50 -8.87
C ALA A 443 -3.17 -11.52 -7.85
N TYR A 444 -2.57 -10.34 -7.70
CA TYR A 444 -3.12 -9.33 -6.80
C TYR A 444 -4.48 -8.86 -7.28
N ALA A 445 -4.63 -8.64 -8.59
CA ALA A 445 -5.92 -8.25 -9.13
C ALA A 445 -6.97 -9.34 -8.92
N ILE A 446 -6.58 -10.60 -9.13
CA ILE A 446 -7.51 -11.70 -8.93
C ILE A 446 -7.90 -11.83 -7.46
N GLY A 447 -6.94 -11.61 -6.55
CA GLY A 447 -7.27 -11.61 -5.14
C GLY A 447 -8.22 -10.50 -4.76
N MET A 448 -8.03 -9.31 -5.35
CA MET A 448 -8.96 -8.22 -5.11
C MET A 448 -10.36 -8.56 -5.62
N ILE A 449 -10.43 -9.19 -6.80
CA ILE A 449 -11.73 -9.60 -7.35
C ILE A 449 -12.38 -10.63 -6.43
N LEU A 450 -11.59 -11.57 -5.90
CA LEU A 450 -12.14 -12.55 -4.97
C LEU A 450 -12.63 -11.89 -3.69
N THR A 451 -11.90 -10.90 -3.20
CA THR A 451 -12.35 -10.17 -2.01
C THR A 451 -13.68 -9.49 -2.26
N PHE A 452 -13.82 -8.83 -3.42
CA PHE A 452 -15.09 -8.19 -3.75
C PHE A 452 -16.21 -9.20 -3.89
N VAL A 453 -15.93 -10.34 -4.53
CA VAL A 453 -16.96 -11.36 -4.70
C VAL A 453 -17.42 -11.91 -3.35
N VAL A 454 -16.48 -12.17 -2.45
CA VAL A 454 -16.84 -12.65 -1.12
C VAL A 454 -17.65 -11.60 -0.37
N LEU A 455 -17.25 -10.33 -0.48
CA LEU A 455 -17.99 -9.25 0.17
C LEU A 455 -19.42 -9.16 -0.36
N VAL A 456 -19.59 -9.34 -1.66
CA VAL A 456 -20.92 -9.26 -2.26
C VAL A 456 -21.77 -10.46 -1.81
N LEU A 457 -21.19 -11.66 -1.87
CA LEU A 457 -21.96 -12.86 -1.56
C LEU A 457 -22.29 -12.94 -0.08
N MET A 458 -21.26 -13.01 0.77
CA MET A 458 -21.47 -13.01 2.22
C MET A 458 -21.52 -11.56 2.69
N LYS A 459 -22.67 -11.15 3.22
CA LYS A 459 -22.87 -9.76 3.65
C LYS A 459 -22.08 -9.53 4.94
N LYS A 460 -20.77 -9.42 4.78
CA LYS A 460 -19.85 -9.29 5.90
C LYS A 460 -18.60 -8.58 5.41
N GLY A 461 -17.98 -7.80 6.29
CA GLY A 461 -16.77 -7.10 5.95
C GLY A 461 -15.54 -7.96 6.14
N GLN A 462 -15.05 -8.56 5.06
CA GLN A 462 -13.91 -9.46 5.12
C GLN A 462 -12.62 -8.70 4.87
N PRO A 463 -11.59 -8.88 5.69
CA PRO A 463 -10.31 -8.20 5.43
C PRO A 463 -9.73 -8.63 4.10
N ALA A 464 -9.11 -7.66 3.41
CA ALA A 464 -8.62 -7.92 2.07
C ALA A 464 -7.33 -8.74 2.10
N LEU A 465 -6.54 -8.60 3.15
CA LEU A 465 -5.27 -9.31 3.21
C LEU A 465 -5.51 -10.83 3.15
N LEU A 466 -6.55 -11.29 3.81
CA LEU A 466 -6.83 -12.73 3.87
C LEU A 466 -6.91 -13.34 2.47
N TYR A 467 -7.31 -12.54 1.48
CA TYR A 467 -7.42 -13.02 0.11
C TYR A 467 -6.34 -12.48 -0.80
N LEU A 468 -5.57 -11.48 -0.36
CA LEU A 468 -4.48 -10.92 -1.16
C LEU A 468 -3.13 -11.53 -0.87
N VAL A 469 -2.90 -12.02 0.35
CA VAL A 469 -1.62 -12.59 0.72
C VAL A 469 -1.46 -13.99 0.13
N PRO A 470 -2.41 -14.92 0.30
CA PRO A 470 -2.24 -16.24 -0.31
C PRO A 470 -2.13 -16.19 -1.83
N CYS A 471 -2.97 -15.37 -2.48
CA CYS A 471 -2.99 -15.35 -3.94
C CYS A 471 -1.66 -14.90 -4.54
N THR A 472 -0.97 -13.98 -3.86
CA THR A 472 0.31 -13.50 -4.36
C THR A 472 1.47 -14.40 -3.93
N LEU A 473 1.49 -14.81 -2.66
CA LEU A 473 2.58 -15.67 -2.18
C LEU A 473 2.60 -17.00 -2.91
N ILE A 474 1.41 -17.61 -3.09
CA ILE A 474 1.34 -18.91 -3.74
C ILE A 474 1.80 -18.82 -5.19
N THR A 475 1.36 -17.78 -5.92
CA THR A 475 1.75 -17.66 -7.31
C THR A 475 3.23 -17.36 -7.45
N ALA A 476 3.80 -16.56 -6.54
CA ALA A 476 5.24 -16.33 -6.57
C ALA A 476 6.01 -17.62 -6.32
N SER A 477 5.54 -18.42 -5.37
CA SER A 477 6.18 -19.70 -5.09
C SER A 477 6.09 -20.64 -6.28
N VAL A 478 4.94 -20.70 -6.94
CA VAL A 478 4.77 -21.56 -8.10
C VAL A 478 5.68 -21.11 -9.24
N VAL A 479 5.74 -19.80 -9.49
CA VAL A 479 6.60 -19.29 -10.56
C VAL A 479 8.06 -19.61 -10.27
N ALA A 480 8.47 -19.43 -9.01
CA ALA A 480 9.85 -19.75 -8.64
C ALA A 480 10.15 -21.24 -8.81
N TRP A 481 9.23 -22.10 -8.37
CA TRP A 481 9.45 -23.54 -8.44
C TRP A 481 9.52 -24.01 -9.89
N ARG A 482 8.62 -23.51 -10.75
CA ARG A 482 8.55 -23.93 -12.14
C ARG A 482 9.55 -23.21 -13.03
N ARG A 483 10.57 -22.58 -12.45
CA ARG A 483 11.58 -21.88 -13.23
C ARG A 483 13.00 -22.17 -12.74
N LYS A 484 13.17 -23.07 -11.77
CA LYS A 484 14.48 -23.37 -11.18
C LYS A 484 15.14 -22.11 -10.63
N GLU A 485 14.33 -21.23 -10.05
CA GLU A 485 14.78 -19.96 -9.50
C GLU A 485 14.16 -19.72 -8.14
N MET A 486 14.17 -20.73 -7.29
CA MET A 486 13.64 -20.58 -5.95
C MET A 486 14.77 -20.27 -4.97
N LYS A 487 15.88 -20.99 -5.09
CA LYS A 487 16.98 -20.78 -4.15
C LYS A 487 17.41 -19.32 -4.13
N LYS A 488 17.66 -18.75 -5.31
CA LYS A 488 18.03 -17.35 -5.40
C LYS A 488 16.89 -16.45 -4.95
N PHE A 489 15.65 -16.80 -5.29
CA PHE A 489 14.51 -15.98 -4.89
C PHE A 489 14.38 -15.93 -3.37
N TRP A 490 14.53 -17.05 -2.70
CA TRP A 490 14.42 -17.11 -1.24
C TRP A 490 15.62 -16.47 -0.55
N LYS A 491 16.83 -16.76 -0.99
CA LYS A 491 18.01 -16.17 -0.36
C LYS A 491 18.24 -14.73 -0.78
N GLY A 492 17.85 -14.37 -1.99
CA GLY A 492 18.23 -13.07 -2.55
C GLY A 492 19.43 -13.19 -3.46
N ASN A 493 19.51 -12.27 -4.43
CA ASN A 493 20.59 -12.31 -5.39
C ASN A 493 21.95 -12.02 -4.75
N SER A 494 21.96 -11.46 -3.55
CA SER A 494 23.21 -11.18 -2.85
C SER A 494 23.84 -12.46 -2.31
O12 PC1 B . 11.86 8.24 -10.69
P PC1 B . 13.01 8.58 -11.59
O14 PC1 B . 13.61 9.94 -11.67
O13 PC1 B . 14.17 7.56 -11.16
C11 PC1 B . 15.34 7.99 -10.46
C12 PC1 B . 16.44 8.49 -11.41
N PC1 B . 17.70 8.74 -10.70
C13 PC1 B . 18.81 8.42 -11.60
C14 PC1 B . 17.75 10.15 -10.33
C15 PC1 B . 17.75 7.94 -9.48
O11 PC1 B . 12.58 8.21 -13.08
C1 PC1 B . 11.55 8.88 -13.80
C2 PC1 B . 10.41 7.98 -14.27
O21 PC1 B . 9.56 8.73 -15.07
C21 PC1 B . 8.93 8.00 -16.13
O22 PC1 B . 9.67 7.50 -16.94
C22 PC1 B . 7.43 7.92 -16.26
C23 PC1 B . 6.82 6.56 -15.90
C24 PC1 B . 5.45 6.32 -16.54
C25 PC1 B . 4.32 6.25 -15.53
C26 PC1 B . 3.31 7.38 -15.70
C27 PC1 B . 2.04 7.13 -14.89
C28 PC1 B . 1.13 8.33 -14.77
C29 PC1 B . 0.03 8.04 -13.76
C3 PC1 B . 9.56 7.56 -13.10
O31 PC1 B . 8.25 7.51 -13.57
C31 PC1 B . 7.11 7.55 -12.72
O32 PC1 B . 6.24 6.85 -13.04
C32 PC1 B . 6.88 8.40 -11.52
C33 PC1 B . 5.40 8.56 -11.64
C34 PC1 B . 4.70 8.50 -10.35
C35 PC1 B . 3.28 8.87 -10.74
C36 PC1 B . 2.69 10.09 -10.09
C37 PC1 B . 1.23 9.92 -9.67
C38 PC1 B . 0.97 10.62 -8.36
C39 PC1 B . -0.39 10.34 -7.77
C3A PC1 B . -0.54 11.30 -6.61
#